data_5H2A
#
_entry.id   5H2A
#
_cell.length_a   91.463
_cell.length_b   189.092
_cell.length_c   41.337
_cell.angle_alpha   90.00
_cell.angle_beta   90.00
_cell.angle_gamma   90.00
#
_symmetry.space_group_name_H-M   'P 21 21 2'
#
loop_
_entity.id
_entity.type
_entity.pdbx_description
1 polymer KLLA0C04147p
2 water water
#
_entity_poly.entity_id   1
_entity_poly.type   'polypeptide(L)'
_entity_poly.pdbx_seq_one_letter_code
;GSAMGSTVSVSKPLLKLKLLDCLRQSNFQQLCHLIANEFQPFDEPTVRSVFELILHYAVQVSPASLIKDIVQNWTTKGSS
NSQLFIDVNKQDQDGNTPLHLAAFQSRGDVVTVLMNHPDINDCILNDAHLQPIEMCKNLNIAQMMQVARANYVAEIAQEF
RQAFNNRDIDHLNSILSNPRNQELLDINGMEPETGDTVLHEFVKKRDILLCRWILDHGGDPFKRDSRGKLPIDLLKKVSS
KEQNDKKNAIDLELKKMLEKAAREQSVIDVT
;
_entity_poly.pdbx_strand_id   A,B
#
# COMPACT_ATOMS: atom_id res chain seq x y z
N GLY A 1 50.78 -14.80 -31.03
CA GLY A 1 50.93 -15.99 -30.22
C GLY A 1 50.85 -17.29 -31.02
N SER A 2 51.54 -18.32 -30.53
CA SER A 2 51.50 -19.63 -31.16
C SER A 2 50.07 -20.14 -31.27
N ALA A 3 49.79 -20.82 -32.39
CA ALA A 3 48.46 -21.38 -32.61
C ALA A 3 48.11 -22.47 -31.59
N MET A 4 49.12 -23.06 -30.94
CA MET A 4 48.90 -24.13 -29.97
C MET A 4 48.48 -23.64 -28.60
N GLY A 5 48.53 -22.32 -28.34
CA GLY A 5 48.04 -21.79 -27.08
C GLY A 5 46.54 -21.53 -27.19
N SER A 6 45.79 -22.00 -26.20
CA SER A 6 44.35 -21.85 -26.21
C SER A 6 43.95 -20.37 -26.27
N THR A 7 42.86 -20.09 -26.98
CA THR A 7 42.32 -18.74 -27.05
C THR A 7 41.97 -18.25 -25.66
N VAL A 8 42.40 -17.03 -25.32
CA VAL A 8 42.00 -16.41 -24.05
C VAL A 8 40.48 -16.35 -23.98
N SER A 9 39.90 -16.99 -22.97
CA SER A 9 38.45 -16.99 -22.79
C SER A 9 38.00 -15.69 -22.14
N VAL A 10 36.78 -15.27 -22.47
CA VAL A 10 36.25 -14.01 -21.96
C VAL A 10 35.74 -14.20 -20.54
N SER A 11 36.23 -13.38 -19.63
CA SER A 11 35.85 -13.44 -18.22
C SER A 11 34.94 -12.25 -17.91
N LYS A 12 33.69 -12.54 -17.56
CA LYS A 12 32.81 -11.46 -17.12
C LYS A 12 33.38 -10.68 -15.95
N PRO A 13 33.89 -11.32 -14.87
CA PRO A 13 34.50 -10.53 -13.78
C PRO A 13 35.62 -9.61 -14.25
N LEU A 14 36.50 -10.07 -15.14
CA LEU A 14 37.61 -9.23 -15.58
C LEU A 14 37.15 -8.07 -16.46
N LEU A 15 36.19 -8.33 -17.36
CA LEU A 15 35.62 -7.23 -18.15
C LEU A 15 35.01 -6.19 -17.24
N LYS A 16 34.24 -6.65 -16.24
CA LYS A 16 33.63 -5.76 -15.29
C LYS A 16 34.66 -4.96 -14.51
N LEU A 17 35.76 -5.62 -14.11
CA LEU A 17 36.82 -4.92 -13.38
C LEU A 17 37.40 -3.78 -14.20
N LYS A 18 37.74 -4.07 -15.46
CA LYS A 18 38.29 -3.05 -16.35
C LYS A 18 37.30 -1.93 -16.59
N LEU A 19 36.02 -2.28 -16.79
CA LEU A 19 35.00 -1.30 -17.10
C LEU A 19 34.74 -0.37 -15.92
N LEU A 20 34.57 -0.93 -14.72
CA LEU A 20 34.30 -0.08 -13.56
C LEU A 20 35.45 0.86 -13.27
N ASP A 21 36.68 0.40 -13.46
CA ASP A 21 37.81 1.27 -13.25
C ASP A 21 37.75 2.45 -14.21
N CYS A 22 37.44 2.16 -15.47
CA CYS A 22 37.31 3.23 -16.46
C CYS A 22 36.15 4.17 -16.11
N LEU A 23 34.99 3.61 -15.79
CA LEU A 23 33.82 4.45 -15.50
C LEU A 23 34.03 5.36 -14.29
N ARG A 24 34.86 4.94 -13.33
CA ARG A 24 35.09 5.73 -12.12
C ARG A 24 36.04 6.89 -12.32
N GLN A 25 36.99 6.77 -13.27
CA GLN A 25 38.14 7.64 -13.35
C GLN A 25 38.30 8.33 -14.70
N SER A 26 37.70 7.82 -15.75
CA SER A 26 38.04 8.20 -17.11
C SER A 26 36.89 8.96 -17.77
N ASN A 27 37.16 9.50 -18.97
CA ASN A 27 36.17 10.27 -19.70
C ASN A 27 35.65 9.43 -20.88
N PHE A 28 34.83 10.05 -21.73
CA PHE A 28 34.12 9.29 -22.74
C PHE A 28 35.06 8.75 -23.81
N GLN A 29 36.01 9.56 -24.28
CA GLN A 29 36.93 9.06 -25.30
C GLN A 29 37.79 7.92 -24.77
N GLN A 30 38.15 7.96 -23.48
CA GLN A 30 38.87 6.83 -22.88
C GLN A 30 37.98 5.60 -22.77
N LEU A 31 36.70 5.78 -22.44
CA LEU A 31 35.76 4.66 -22.41
C LEU A 31 35.62 4.03 -23.80
N CYS A 32 35.47 4.87 -24.84
CA CYS A 32 35.42 4.33 -26.20
C CYS A 32 36.65 3.48 -26.52
N HIS A 33 37.83 3.99 -26.18
CA HIS A 33 39.07 3.27 -26.43
C HIS A 33 39.10 1.93 -25.72
N LEU A 34 38.60 1.88 -24.47
CA LEU A 34 38.52 0.63 -23.74
C LEU A 34 37.63 -0.38 -24.46
N ILE A 35 36.47 0.08 -24.92
CA ILE A 35 35.55 -0.80 -25.67
C ILE A 35 36.26 -1.38 -26.89
N ALA A 36 36.94 -0.54 -27.66
CA ALA A 36 37.57 -1.01 -28.88
C ALA A 36 38.65 -2.05 -28.59
N ASN A 37 39.35 -1.89 -27.48
CA ASN A 37 40.50 -2.74 -27.19
C ASN A 37 40.18 -3.96 -26.33
N GLU A 38 39.16 -3.90 -25.47
CA GLU A 38 38.90 -4.98 -24.53
C GLU A 38 37.55 -5.67 -24.69
N PHE A 39 36.57 -5.02 -25.34
CA PHE A 39 35.25 -5.62 -25.48
C PHE A 39 35.15 -6.32 -26.84
N GLN A 40 36.01 -7.32 -26.99
CA GLN A 40 36.16 -8.00 -28.28
C GLN A 40 36.30 -9.50 -28.00
N PRO A 41 35.71 -10.34 -28.85
CA PRO A 41 34.84 -10.02 -29.98
C PRO A 41 33.58 -9.33 -29.50
N PHE A 42 33.16 -8.29 -30.23
CA PHE A 42 32.11 -7.44 -29.70
C PHE A 42 30.75 -8.12 -29.66
N ASP A 43 30.54 -9.18 -30.45
CA ASP A 43 29.27 -9.90 -30.44
C ASP A 43 29.34 -11.15 -29.59
N GLU A 44 30.46 -11.40 -28.91
CA GLU A 44 30.56 -12.53 -28.01
C GLU A 44 29.56 -12.34 -26.86
N PRO A 45 28.77 -13.37 -26.52
CA PRO A 45 27.64 -13.12 -25.61
C PRO A 45 28.03 -12.64 -24.22
N THR A 46 29.16 -13.12 -23.68
CA THR A 46 29.60 -12.59 -22.38
C THR A 46 30.00 -11.13 -22.51
N VAL A 47 30.71 -10.78 -23.58
CA VAL A 47 31.02 -9.37 -23.85
C VAL A 47 29.74 -8.55 -23.93
N ARG A 48 28.76 -8.98 -24.74
CA ARG A 48 27.52 -8.23 -24.86
C ARG A 48 26.85 -8.04 -23.50
N SER A 49 26.91 -9.05 -22.64
CA SER A 49 26.17 -8.99 -21.38
C SER A 49 26.74 -7.94 -20.45
N VAL A 50 28.04 -7.65 -20.55
CA VAL A 50 28.62 -6.55 -19.78
C VAL A 50 28.39 -5.23 -20.50
N PHE A 51 28.63 -5.19 -21.81
CA PHE A 51 28.47 -3.93 -22.55
C PHE A 51 27.07 -3.35 -22.36
N GLU A 52 26.04 -4.20 -22.42
CA GLU A 52 24.70 -3.61 -22.41
C GLU A 52 24.30 -3.09 -21.03
N LEU A 53 25.10 -3.30 -19.99
CA LEU A 53 24.85 -2.73 -18.67
C LEU A 53 25.67 -1.48 -18.38
N ILE A 54 26.43 -0.97 -19.36
CA ILE A 54 27.36 0.13 -19.08
C ILE A 54 26.63 1.34 -18.49
N LEU A 55 25.41 1.62 -18.97
CA LEU A 55 24.70 2.75 -18.38
C LEU A 55 24.28 2.46 -16.94
N HIS A 56 23.93 1.21 -16.62
CA HIS A 56 23.69 0.87 -15.22
C HIS A 56 24.92 1.13 -14.37
N TYR A 57 26.08 0.63 -14.81
CA TYR A 57 27.29 0.83 -14.02
C TYR A 57 27.66 2.31 -13.94
N ALA A 58 27.43 3.06 -15.01
CA ALA A 58 27.77 4.49 -14.99
C ALA A 58 26.90 5.26 -13.97
N VAL A 59 25.60 4.99 -13.94
CA VAL A 59 24.75 5.57 -12.89
C VAL A 59 25.30 5.25 -11.51
N GLN A 60 25.83 4.03 -11.34
CA GLN A 60 26.36 3.64 -10.02
C GLN A 60 27.65 4.41 -9.66
N VAL A 61 28.57 4.61 -10.62
CA VAL A 61 29.93 5.00 -10.23
C VAL A 61 30.45 6.25 -10.96
N SER A 62 29.75 6.72 -12.02
CA SER A 62 30.35 7.71 -12.91
C SER A 62 29.86 9.13 -12.61
N PRO A 63 30.66 10.14 -12.96
CA PRO A 63 30.17 11.53 -12.95
C PRO A 63 29.05 11.73 -13.96
N ALA A 64 28.18 12.69 -13.65
CA ALA A 64 27.06 12.97 -14.55
C ALA A 64 27.55 13.39 -15.94
N SER A 65 28.73 14.01 -16.04
CA SER A 65 29.21 14.42 -17.35
C SER A 65 29.45 13.21 -18.26
N LEU A 66 30.00 12.13 -17.71
CA LEU A 66 30.21 10.93 -18.51
C LEU A 66 28.90 10.24 -18.84
N ILE A 67 27.97 10.21 -17.88
CA ILE A 67 26.65 9.65 -18.15
C ILE A 67 25.98 10.39 -19.30
N LYS A 68 26.05 11.73 -19.30
CA LYS A 68 25.46 12.51 -20.39
C LYS A 68 26.06 12.14 -21.73
N ASP A 69 27.39 12.00 -21.78
CA ASP A 69 28.05 11.63 -23.03
C ASP A 69 27.60 10.26 -23.52
N ILE A 70 27.52 9.29 -22.61
CA ILE A 70 27.05 7.95 -22.98
C ILE A 70 25.63 8.03 -23.53
N VAL A 71 24.76 8.76 -22.84
CA VAL A 71 23.36 8.86 -23.26
C VAL A 71 23.28 9.55 -24.62
N GLN A 72 24.00 10.67 -24.78
CA GLN A 72 23.89 11.42 -26.03
C GLN A 72 24.45 10.64 -27.20
N ASN A 73 25.55 9.91 -27.00
CA ASN A 73 26.26 9.30 -28.13
C ASN A 73 25.86 7.85 -28.43
N TRP A 74 25.37 7.11 -27.45
CA TRP A 74 25.08 5.70 -27.66
C TRP A 74 23.61 5.28 -27.49
N THR A 75 22.70 6.17 -27.11
CA THR A 75 21.34 5.70 -26.80
C THR A 75 20.22 6.35 -27.61
N THR A 76 20.53 7.26 -28.52
CA THR A 76 19.46 7.87 -29.29
C THR A 76 19.15 7.04 -30.54
N LYS A 77 17.99 7.32 -31.16
CA LYS A 77 17.58 6.59 -32.36
C LYS A 77 18.66 6.62 -33.44
N GLY A 78 19.43 7.70 -33.50
CA GLY A 78 20.47 7.84 -34.50
C GLY A 78 21.60 6.84 -34.41
N SER A 79 21.79 6.20 -33.24
CA SER A 79 22.80 5.16 -33.14
C SER A 79 22.18 3.76 -33.03
N SER A 80 20.87 3.62 -33.21
CA SER A 80 20.21 2.33 -32.97
C SER A 80 20.70 1.23 -33.88
N ASN A 81 21.32 1.57 -35.01
CA ASN A 81 21.87 0.57 -35.92
C ASN A 81 23.38 0.41 -35.78
N SER A 82 23.98 1.02 -34.77
CA SER A 82 25.42 0.93 -34.54
C SER A 82 25.74 -0.16 -33.53
N GLN A 83 26.98 -0.65 -33.59
CA GLN A 83 27.45 -1.58 -32.57
C GLN A 83 27.46 -0.90 -31.20
N LEU A 84 27.88 0.37 -31.16
CA LEU A 84 27.86 1.11 -29.88
C LEU A 84 26.45 1.68 -29.73
N PHE A 85 25.57 0.83 -29.25
CA PHE A 85 24.20 1.26 -28.95
C PHE A 85 23.81 0.64 -27.62
N ILE A 86 23.27 1.46 -26.73
CA ILE A 86 22.77 0.97 -25.44
C ILE A 86 21.27 1.29 -25.37
N ASP A 87 20.50 0.32 -24.93
CA ASP A 87 19.07 0.49 -24.70
C ASP A 87 18.88 1.17 -23.35
N VAL A 88 18.36 2.41 -23.38
CA VAL A 88 18.20 3.19 -22.15
C VAL A 88 17.21 2.55 -21.19
N ASN A 89 16.39 1.60 -21.68
CA ASN A 89 15.45 0.88 -20.84
C ASN A 89 15.89 -0.56 -20.55
N LYS A 90 17.14 -0.91 -20.82
CA LYS A 90 17.67 -2.24 -20.49
C LYS A 90 17.44 -2.59 -19.01
N GLN A 91 16.93 -3.79 -18.77
CA GLN A 91 16.78 -4.28 -17.40
C GLN A 91 17.92 -5.21 -17.03
N ASP A 92 18.47 -5.01 -15.83
CA ASP A 92 19.58 -5.83 -15.34
C ASP A 92 19.02 -7.09 -14.66
N GLN A 93 19.84 -7.79 -13.88
CA GLN A 93 19.40 -9.08 -13.34
C GLN A 93 18.36 -8.94 -12.23
N ASP A 94 18.16 -7.75 -11.68
CA ASP A 94 17.08 -7.48 -10.73
C ASP A 94 15.86 -6.83 -11.38
N GLY A 95 15.85 -6.71 -12.70
CA GLY A 95 14.80 -5.99 -13.39
C GLY A 95 14.92 -4.48 -13.39
N ASN A 96 16.02 -3.95 -12.88
CA ASN A 96 16.20 -2.51 -12.79
C ASN A 96 16.73 -1.90 -14.08
N THR A 97 16.14 -0.78 -14.47
CA THR A 97 16.65 0.08 -15.54
C THR A 97 17.63 1.08 -14.95
N PRO A 98 18.37 1.81 -15.79
CA PRO A 98 19.23 2.87 -15.24
C PRO A 98 18.43 3.89 -14.44
N LEU A 99 17.18 4.13 -14.86
CA LEU A 99 16.34 5.10 -14.14
C LEU A 99 15.97 4.61 -12.75
N HIS A 100 15.67 3.31 -12.60
CA HIS A 100 15.48 2.72 -11.27
C HIS A 100 16.66 3.03 -10.36
N LEU A 101 17.89 2.80 -10.87
CA LEU A 101 19.09 2.97 -10.05
C LEU A 101 19.34 4.44 -9.75
N ALA A 102 19.10 5.32 -10.72
CA ALA A 102 19.33 6.74 -10.50
C ALA A 102 18.38 7.29 -9.45
N ALA A 103 17.12 6.86 -9.50
CA ALA A 103 16.14 7.22 -8.48
C ALA A 103 16.54 6.67 -7.11
N PHE A 104 16.91 5.39 -7.06
CA PHE A 104 17.33 4.75 -5.81
C PHE A 104 18.49 5.49 -5.15
N GLN A 105 19.45 5.94 -5.94
CA GLN A 105 20.65 6.63 -5.47
C GLN A 105 20.46 8.13 -5.27
N SER A 106 19.26 8.66 -5.51
CA SER A 106 18.99 10.09 -5.39
C SER A 106 19.92 10.92 -6.27
N ARG A 107 20.17 10.47 -7.51
CA ARG A 107 20.98 11.26 -8.44
C ARG A 107 20.01 12.10 -9.28
N GLY A 108 19.60 13.23 -8.71
CA GLY A 108 18.56 14.04 -9.33
C GLY A 108 18.92 14.49 -10.73
N ASP A 109 20.20 14.86 -10.94
CA ASP A 109 20.60 15.35 -12.26
C ASP A 109 20.54 14.24 -13.30
N VAL A 110 20.91 13.02 -12.92
CA VAL A 110 20.84 11.87 -13.83
C VAL A 110 19.38 11.51 -14.10
N VAL A 111 18.53 11.57 -13.07
CA VAL A 111 17.11 11.31 -13.28
C VAL A 111 16.54 12.27 -14.34
N THR A 112 16.91 13.54 -14.25
CA THR A 112 16.45 14.52 -15.24
C THR A 112 16.90 14.18 -16.65
N VAL A 113 18.18 13.83 -16.82
CA VAL A 113 18.69 13.45 -18.15
C VAL A 113 17.90 12.27 -18.70
N LEU A 114 17.68 11.25 -17.88
CA LEU A 114 16.98 10.07 -18.36
C LEU A 114 15.50 10.34 -18.63
N MET A 115 14.82 11.08 -17.73
CA MET A 115 13.40 11.40 -17.98
C MET A 115 13.22 12.23 -19.24
N ASN A 116 14.23 13.03 -19.61
CA ASN A 116 14.18 13.80 -20.83
C ASN A 116 14.51 13.00 -22.08
N HIS A 117 14.94 11.76 -21.96
CA HIS A 117 15.23 10.94 -23.14
C HIS A 117 13.93 10.60 -23.86
N PRO A 118 13.81 10.91 -25.15
CA PRO A 118 12.53 10.68 -25.86
C PRO A 118 12.04 9.24 -25.82
N ASP A 119 12.91 8.25 -25.64
CA ASP A 119 12.52 6.85 -25.63
C ASP A 119 12.44 6.24 -24.22
N ILE A 120 12.59 7.06 -23.18
CA ILE A 120 12.58 6.53 -21.82
C ILE A 120 11.24 5.86 -21.55
N ASN A 121 11.27 4.78 -20.77
CA ASN A 121 10.04 4.15 -20.29
C ASN A 121 10.11 4.10 -18.76
N ASP A 122 9.50 5.09 -18.10
CA ASP A 122 9.45 5.15 -16.66
C ASP A 122 8.31 4.31 -16.07
N CYS A 123 7.71 3.41 -16.85
CA CYS A 123 6.67 2.49 -16.36
C CYS A 123 7.16 1.08 -16.12
N ILE A 124 8.42 0.79 -16.44
CA ILE A 124 8.94 -0.57 -16.33
C ILE A 124 9.01 -1.01 -14.87
N LEU A 125 8.52 -2.22 -14.59
CA LEU A 125 8.57 -2.80 -13.25
C LEU A 125 9.85 -3.61 -13.10
N ASN A 126 10.54 -3.44 -11.98
CA ASN A 126 11.66 -4.35 -11.70
C ASN A 126 11.10 -5.66 -11.13
N ASP A 127 11.99 -6.56 -10.70
CA ASP A 127 11.56 -7.86 -10.20
C ASP A 127 10.81 -7.75 -8.88
N ALA A 128 10.95 -6.63 -8.16
CA ALA A 128 10.15 -6.35 -6.98
C ALA A 128 8.85 -5.64 -7.32
N HIS A 129 8.51 -5.54 -8.60
CA HIS A 129 7.26 -4.96 -9.09
C HIS A 129 7.17 -3.47 -8.84
N LEU A 130 8.30 -2.77 -8.82
CA LEU A 130 8.33 -1.34 -8.57
C LEU A 130 8.70 -0.58 -9.84
N GLN A 131 8.06 0.55 -10.06
CA GLN A 131 8.44 1.49 -11.11
C GLN A 131 9.61 2.33 -10.61
N PRO A 132 10.35 2.98 -11.52
CA PRO A 132 11.51 3.75 -11.05
C PRO A 132 11.18 4.80 -9.98
N ILE A 133 10.06 5.51 -10.12
CA ILE A 133 9.76 6.55 -9.13
C ILE A 133 9.59 5.94 -7.73
N GLU A 134 9.16 4.69 -7.66
CA GLU A 134 8.96 4.03 -6.38
C GLU A 134 10.28 3.63 -5.70
N MET A 135 11.42 3.76 -6.39
CA MET A 135 12.72 3.53 -5.77
C MET A 135 13.24 4.73 -4.98
N CYS A 136 12.60 5.89 -5.12
CA CYS A 136 13.13 7.10 -4.52
C CYS A 136 13.22 6.99 -3.01
N LYS A 137 14.30 7.52 -2.48
CA LYS A 137 14.46 7.77 -1.05
C LYS A 137 14.32 9.26 -0.72
N ASN A 138 14.35 10.13 -1.72
CA ASN A 138 14.30 11.58 -1.55
C ASN A 138 12.98 12.05 -2.15
N LEU A 139 12.17 12.75 -1.35
CA LEU A 139 10.86 13.17 -1.84
C LEU A 139 10.97 14.16 -2.98
N ASN A 140 11.93 15.11 -2.90
CA ASN A 140 12.03 16.10 -3.97
C ASN A 140 12.30 15.43 -5.31
N ILE A 141 13.11 14.37 -5.31
CA ILE A 141 13.35 13.67 -6.56
C ILE A 141 12.08 12.96 -7.03
N ALA A 142 11.35 12.33 -6.11
CA ALA A 142 10.10 11.67 -6.48
C ALA A 142 9.09 12.67 -7.05
N GLN A 143 9.01 13.87 -6.46
CA GLN A 143 8.05 14.87 -6.95
C GLN A 143 8.44 15.35 -8.33
N MET A 144 9.74 15.54 -8.57
CA MET A 144 10.21 15.90 -9.90
C MET A 144 9.81 14.85 -10.93
N MET A 145 9.98 13.56 -10.61
CA MET A 145 9.57 12.50 -11.51
C MET A 145 8.06 12.48 -11.72
N GLN A 146 7.31 12.72 -10.64
CA GLN A 146 5.86 12.74 -10.72
C GLN A 146 5.39 13.85 -11.65
N VAL A 147 5.95 15.05 -11.51
CA VAL A 147 5.52 16.16 -12.36
C VAL A 147 5.99 15.96 -13.80
N ALA A 148 7.22 15.48 -13.98
CA ALA A 148 7.69 15.20 -15.34
C ALA A 148 6.80 14.18 -16.03
N ARG A 149 6.37 13.15 -15.30
CA ARG A 149 5.44 12.20 -15.92
C ARG A 149 4.11 12.88 -16.28
N ALA A 150 3.54 13.63 -15.35
CA ALA A 150 2.27 14.31 -15.63
C ALA A 150 2.38 15.20 -16.86
N ASN A 151 3.50 15.93 -17.00
CA ASN A 151 3.72 16.76 -18.19
C ASN A 151 3.78 15.92 -19.45
N TYR A 152 4.46 14.78 -19.39
CA TYR A 152 4.57 13.93 -20.56
C TYR A 152 3.21 13.37 -20.92
N VAL A 153 2.43 12.97 -19.92
CA VAL A 153 1.09 12.45 -20.19
C VAL A 153 0.23 13.51 -20.85
N ALA A 154 0.29 14.74 -20.35
CA ALA A 154 -0.48 15.82 -20.94
C ALA A 154 -0.12 16.02 -22.41
N GLU A 155 1.18 15.99 -22.73
CA GLU A 155 1.59 16.24 -24.10
C GLU A 155 1.18 15.10 -25.03
N ILE A 156 1.45 13.84 -24.62
CA ILE A 156 1.13 12.73 -25.52
C ILE A 156 -0.38 12.54 -25.66
N ALA A 157 -1.15 12.84 -24.61
CA ALA A 157 -2.61 12.75 -24.75
C ALA A 157 -3.14 13.79 -25.72
N GLN A 158 -2.53 14.97 -25.74
CA GLN A 158 -2.88 15.99 -26.73
C GLN A 158 -2.47 15.55 -28.14
N GLU A 159 -1.28 14.96 -28.27
CA GLU A 159 -0.84 14.43 -29.56
C GLU A 159 -1.75 13.30 -30.03
N PHE A 160 -2.17 12.41 -29.11
CA PHE A 160 -3.10 11.33 -29.43
C PHE A 160 -4.41 11.90 -30.00
N ARG A 161 -4.98 12.89 -29.30
CA ARG A 161 -6.21 13.53 -29.75
C ARG A 161 -6.03 14.16 -31.14
N GLN A 162 -4.88 14.79 -31.37
CA GLN A 162 -4.59 15.39 -32.67
C GLN A 162 -4.53 14.34 -33.78
N ALA A 163 -3.90 13.20 -33.51
CA ALA A 163 -3.86 12.14 -34.51
C ALA A 163 -5.25 11.64 -34.86
N PHE A 164 -6.14 11.52 -33.85
CA PHE A 164 -7.53 11.17 -34.17
C PHE A 164 -8.20 12.28 -35.00
N ASN A 165 -7.99 13.54 -34.61
CA ASN A 165 -8.58 14.65 -35.38
C ASN A 165 -8.13 14.63 -36.83
N ASN A 166 -6.90 14.19 -37.09
CA ASN A 166 -6.35 14.10 -38.44
C ASN A 166 -6.65 12.78 -39.14
N ARG A 167 -7.35 11.85 -38.49
CA ARG A 167 -7.57 10.51 -39.03
C ARG A 167 -6.26 9.88 -39.51
N ASP A 168 -5.20 10.06 -38.72
CA ASP A 168 -3.84 9.78 -39.17
C ASP A 168 -3.39 8.44 -38.56
N ILE A 169 -3.63 7.36 -39.29
CA ILE A 169 -3.35 6.01 -38.82
C ILE A 169 -1.85 5.81 -38.57
N ASP A 170 -1.01 6.35 -39.46
CA ASP A 170 0.43 6.23 -39.25
C ASP A 170 0.86 6.90 -37.95
N HIS A 171 0.36 8.10 -37.70
CA HIS A 171 0.70 8.82 -36.48
C HIS A 171 0.22 8.07 -35.25
N LEU A 172 -1.05 7.61 -35.28
CA LEU A 172 -1.57 6.79 -34.18
C LEU A 172 -0.70 5.56 -33.95
N ASN A 173 -0.29 4.89 -35.03
CA ASN A 173 0.58 3.72 -34.88
C ASN A 173 1.92 4.10 -34.28
N SER A 174 2.48 5.24 -34.71
CA SER A 174 3.74 5.70 -34.16
C SER A 174 3.63 5.99 -32.67
N ILE A 175 2.55 6.63 -32.26
CA ILE A 175 2.34 6.92 -30.83
C ILE A 175 2.33 5.63 -30.03
N LEU A 176 1.57 4.64 -30.49
CA LEU A 176 1.47 3.41 -29.68
C LEU A 176 2.65 2.48 -29.88
N SER A 177 3.58 2.77 -30.79
CA SER A 177 4.78 1.94 -30.90
C SER A 177 5.75 2.16 -29.74
N ASN A 178 5.59 3.23 -28.97
CA ASN A 178 6.36 3.45 -27.74
C ASN A 178 5.63 2.75 -26.60
N PRO A 179 6.21 1.70 -25.99
CA PRO A 179 5.50 1.00 -24.90
C PRO A 179 5.12 1.91 -23.75
N ARG A 180 5.89 2.97 -23.52
CA ARG A 180 5.50 3.92 -22.47
C ARG A 180 4.14 4.54 -22.78
N ASN A 181 3.88 4.83 -24.06
CA ASN A 181 2.61 5.46 -24.42
C ASN A 181 1.46 4.51 -24.28
N GLN A 182 1.68 3.23 -24.58
CA GLN A 182 0.62 2.25 -24.40
C GLN A 182 0.16 2.20 -22.94
N GLU A 183 1.08 2.43 -22.00
CA GLU A 183 0.71 2.45 -20.57
C GLU A 183 0.08 3.77 -20.15
N LEU A 184 0.57 4.90 -20.66
CA LEU A 184 0.15 6.20 -20.14
C LEU A 184 -1.07 6.79 -20.85
N LEU A 185 -1.49 6.21 -21.96
CA LEU A 185 -2.69 6.64 -22.66
C LEU A 185 -3.84 5.68 -22.32
N ASP A 186 -5.04 6.23 -22.20
CA ASP A 186 -6.23 5.46 -21.92
C ASP A 186 -7.18 5.68 -23.09
N ILE A 187 -7.18 4.76 -24.06
CA ILE A 187 -8.04 4.93 -25.22
C ILE A 187 -9.51 4.86 -24.83
N ASN A 188 -9.82 4.41 -23.61
CA ASN A 188 -11.21 4.34 -23.14
C ASN A 188 -11.58 5.49 -22.23
N GLY A 189 -10.78 6.55 -22.16
CA GLY A 189 -11.13 7.69 -21.33
C GLY A 189 -12.34 8.43 -21.88
N MET A 190 -13.18 8.93 -20.96
CA MET A 190 -14.41 9.62 -21.32
C MET A 190 -14.17 11.12 -21.37
N GLU A 191 -14.52 11.74 -22.49
CA GLU A 191 -14.39 13.18 -22.61
C GLU A 191 -15.52 13.85 -21.81
N PRO A 192 -15.21 14.66 -20.79
CA PRO A 192 -16.29 15.21 -19.95
C PRO A 192 -17.24 16.12 -20.69
N GLU A 193 -16.77 16.85 -21.71
CA GLU A 193 -17.66 17.76 -22.42
C GLU A 193 -18.71 17.04 -23.26
N THR A 194 -18.47 15.79 -23.64
CA THR A 194 -19.40 15.03 -24.47
C THR A 194 -19.96 13.78 -23.81
N GLY A 195 -19.28 13.23 -22.80
CA GLY A 195 -19.63 11.94 -22.25
C GLY A 195 -19.24 10.75 -23.12
N ASP A 196 -18.49 10.98 -24.21
CA ASP A 196 -18.11 9.93 -25.15
C ASP A 196 -16.66 9.49 -24.95
N THR A 197 -16.41 8.20 -25.17
CA THR A 197 -15.08 7.71 -25.49
C THR A 197 -14.84 7.88 -26.98
N VAL A 198 -13.57 7.72 -27.42
CA VAL A 198 -13.36 7.84 -28.86
C VAL A 198 -14.11 6.76 -29.60
N LEU A 199 -14.35 5.60 -28.97
CA LEU A 199 -15.10 4.57 -29.69
C LEU A 199 -16.54 5.03 -29.95
N HIS A 200 -17.21 5.64 -28.95
CA HIS A 200 -18.53 6.20 -29.21
C HIS A 200 -18.47 7.27 -30.30
N GLU A 201 -17.47 8.15 -30.18
CA GLU A 201 -17.33 9.28 -31.10
C GLU A 201 -17.22 8.81 -32.54
N PHE A 202 -16.35 7.84 -32.80
CA PHE A 202 -16.14 7.43 -34.17
C PHE A 202 -17.15 6.41 -34.65
N VAL A 203 -17.85 5.70 -33.75
CA VAL A 203 -19.02 4.96 -34.19
C VAL A 203 -20.09 5.91 -34.71
N LYS A 204 -20.35 6.98 -33.97
CA LYS A 204 -21.36 7.95 -34.43
C LYS A 204 -20.92 8.63 -35.72
N LYS A 205 -19.62 8.85 -35.91
CA LYS A 205 -19.10 9.38 -37.16
C LYS A 205 -19.12 8.38 -38.30
N ARG A 206 -19.48 7.11 -38.03
CA ARG A 206 -19.45 6.05 -39.05
C ARG A 206 -18.07 5.93 -39.68
N ASP A 207 -17.02 6.17 -38.90
CA ASP A 207 -15.66 6.16 -39.42
C ASP A 207 -15.14 4.74 -39.22
N ILE A 208 -15.35 3.90 -40.24
CA ILE A 208 -14.99 2.48 -40.14
C ILE A 208 -13.48 2.33 -39.93
N LEU A 209 -12.69 3.07 -40.71
CA LEU A 209 -11.23 3.01 -40.58
C LEU A 209 -10.78 3.25 -39.14
N LEU A 210 -11.30 4.30 -38.52
CA LEU A 210 -10.86 4.66 -37.18
C LEU A 210 -11.47 3.74 -36.12
N CYS A 211 -12.72 3.32 -36.30
CA CYS A 211 -13.27 2.34 -35.36
C CYS A 211 -12.46 1.05 -35.35
N ARG A 212 -12.07 0.56 -36.53
CA ARG A 212 -11.24 -0.65 -36.57
C ARG A 212 -9.93 -0.46 -35.82
N TRP A 213 -9.27 0.68 -36.05
CA TRP A 213 -8.02 0.97 -35.36
C TRP A 213 -8.22 1.02 -33.85
N ILE A 214 -9.27 1.73 -33.40
CA ILE A 214 -9.55 1.80 -31.97
C ILE A 214 -9.77 0.41 -31.40
N LEU A 215 -10.60 -0.41 -32.08
CA LEU A 215 -10.88 -1.75 -31.55
C LEU A 215 -9.64 -2.65 -31.59
N ASP A 216 -8.71 -2.39 -32.50
CA ASP A 216 -7.46 -3.16 -32.50
C ASP A 216 -6.44 -2.66 -31.49
N HIS A 217 -6.73 -1.58 -30.77
CA HIS A 217 -5.76 -1.02 -29.82
C HIS A 217 -6.39 -0.78 -28.46
N GLY A 218 -7.27 -1.68 -28.04
CA GLY A 218 -7.76 -1.69 -26.68
C GLY A 218 -9.09 -1.00 -26.45
N GLY A 219 -9.73 -0.48 -27.49
CA GLY A 219 -11.05 0.10 -27.33
C GLY A 219 -12.02 -0.90 -26.74
N ASP A 220 -12.75 -0.49 -25.70
CA ASP A 220 -13.58 -1.42 -24.94
C ASP A 220 -15.04 -1.25 -25.33
N PRO A 221 -15.65 -2.22 -26.02
CA PRO A 221 -17.06 -2.04 -26.45
C PRO A 221 -18.06 -2.08 -25.31
N PHE A 222 -17.64 -2.44 -24.10
CA PHE A 222 -18.54 -2.48 -22.96
C PHE A 222 -18.57 -1.17 -22.18
N LYS A 223 -17.69 -0.23 -22.47
CA LYS A 223 -17.70 1.05 -21.77
C LYS A 223 -18.89 1.88 -22.22
N ARG A 224 -19.76 2.23 -21.28
CA ARG A 224 -20.93 3.01 -21.62
C ARG A 224 -20.57 4.49 -21.67
N ASP A 225 -21.37 5.25 -22.39
CA ASP A 225 -21.20 6.69 -22.37
C ASP A 225 -21.87 7.28 -21.14
N SER A 226 -21.83 8.61 -21.03
CA SER A 226 -22.37 9.26 -19.83
C SER A 226 -23.87 9.05 -19.69
N ARG A 227 -24.56 8.69 -20.79
CA ARG A 227 -25.99 8.42 -20.77
C ARG A 227 -26.31 6.95 -20.59
N GLY A 228 -25.29 6.11 -20.39
CA GLY A 228 -25.50 4.69 -20.13
C GLY A 228 -25.53 3.79 -21.35
N LYS A 229 -25.22 4.31 -22.54
CA LYS A 229 -25.32 3.56 -23.78
C LYS A 229 -23.99 2.95 -24.19
N LEU A 230 -24.04 1.72 -24.66
CA LEU A 230 -22.90 1.08 -25.32
C LEU A 230 -22.75 1.62 -26.74
N PRO A 231 -21.52 1.61 -27.29
CA PRO A 231 -21.33 2.01 -28.69
C PRO A 231 -22.28 1.31 -29.66
N ILE A 232 -22.53 0.01 -29.46
CA ILE A 232 -23.41 -0.70 -30.38
C ILE A 232 -24.87 -0.23 -30.24
N ASP A 233 -25.27 0.28 -29.07
CA ASP A 233 -26.60 0.86 -28.92
C ASP A 233 -26.80 2.10 -29.78
N LEU A 234 -25.73 2.70 -30.29
CA LEU A 234 -25.86 3.93 -31.07
C LEU A 234 -26.29 3.67 -32.51
N LEU A 235 -26.21 2.42 -32.96
CA LEU A 235 -26.62 2.06 -34.32
C LEU A 235 -28.04 1.52 -34.32
N LYS A 236 -28.90 2.14 -35.12
CA LYS A 236 -30.31 1.74 -35.20
C LYS A 236 -30.46 0.33 -35.77
N LYS A 237 -31.41 -0.41 -35.21
CA LYS A 237 -31.69 -1.78 -35.64
C LYS A 237 -32.33 -1.79 -37.02
N VAL A 238 -31.98 -2.79 -37.82
CA VAL A 238 -32.51 -3.00 -39.17
C VAL A 238 -33.11 -4.39 -39.23
N SER A 239 -34.31 -4.49 -39.83
CA SER A 239 -34.98 -5.77 -39.96
C SER A 239 -34.12 -6.78 -40.73
N SER A 240 -34.41 -8.07 -40.50
CA SER A 240 -33.56 -9.12 -41.04
C SER A 240 -33.53 -9.11 -42.57
N LYS A 241 -34.68 -8.89 -43.20
CA LYS A 241 -34.75 -8.95 -44.66
C LYS A 241 -33.92 -7.85 -45.33
N GLU A 242 -33.68 -6.73 -44.64
CA GLU A 242 -32.97 -5.58 -45.20
C GLU A 242 -31.50 -5.52 -44.77
N GLN A 243 -31.06 -6.43 -43.90
CA GLN A 243 -29.77 -6.30 -43.23
C GLN A 243 -28.62 -6.18 -44.22
N ASN A 244 -28.71 -6.88 -45.37
CA ASN A 244 -27.60 -6.91 -46.32
C ASN A 244 -27.76 -5.94 -47.48
N ASP A 245 -28.77 -5.08 -47.46
CA ASP A 245 -28.90 -4.07 -48.51
C ASP A 245 -27.73 -3.11 -48.47
N LYS A 246 -27.36 -2.58 -49.64
CA LYS A 246 -26.19 -1.73 -49.75
C LYS A 246 -26.29 -0.50 -48.85
N LYS A 247 -27.50 0.07 -48.73
CA LYS A 247 -27.65 1.29 -47.93
C LYS A 247 -27.36 1.05 -46.46
N ASN A 248 -27.42 -0.21 -46.00
CA ASN A 248 -27.14 -0.54 -44.61
C ASN A 248 -25.73 -1.07 -44.38
N ALA A 249 -24.88 -1.06 -45.41
CA ALA A 249 -23.60 -1.76 -45.33
C ALA A 249 -22.64 -1.13 -44.31
N ILE A 250 -22.71 0.19 -44.12
CA ILE A 250 -21.78 0.85 -43.20
C ILE A 250 -22.09 0.46 -41.77
N ASP A 251 -23.33 0.66 -41.32
CA ASP A 251 -23.71 0.30 -39.96
C ASP A 251 -23.60 -1.20 -39.74
N LEU A 252 -23.85 -2.00 -40.78
CA LEU A 252 -23.68 -3.45 -40.61
C LEU A 252 -22.23 -3.79 -40.31
N GLU A 253 -21.29 -3.17 -41.01
CA GLU A 253 -19.90 -3.48 -40.75
C GLU A 253 -19.50 -3.06 -39.34
N LEU A 254 -19.94 -1.88 -38.90
CA LEU A 254 -19.67 -1.43 -37.54
C LEU A 254 -20.28 -2.38 -36.52
N LYS A 255 -21.51 -2.81 -36.76
CA LYS A 255 -22.15 -3.76 -35.85
C LYS A 255 -21.33 -5.05 -35.72
N LYS A 256 -20.90 -5.61 -36.84
CA LYS A 256 -20.11 -6.84 -36.81
C LYS A 256 -18.80 -6.64 -36.08
N MET A 257 -18.13 -5.51 -36.31
CA MET A 257 -16.89 -5.22 -35.61
C MET A 257 -17.10 -5.09 -34.11
N LEU A 258 -18.19 -4.45 -33.71
CA LEU A 258 -18.45 -4.26 -32.28
C LEU A 258 -18.81 -5.57 -31.61
N GLU A 259 -19.56 -6.43 -32.32
CA GLU A 259 -19.93 -7.72 -31.76
C GLU A 259 -18.71 -8.62 -31.58
N LYS A 260 -17.81 -8.63 -32.56
CA LYS A 260 -16.58 -9.40 -32.42
C LYS A 260 -15.70 -8.84 -31.31
N ALA A 261 -15.62 -7.51 -31.20
CA ALA A 261 -14.83 -6.91 -30.13
C ALA A 261 -15.41 -7.25 -28.76
N ALA A 262 -16.74 -7.33 -28.66
CA ALA A 262 -17.38 -7.66 -27.40
C ALA A 262 -17.06 -9.09 -26.97
N ARG A 263 -17.01 -10.01 -27.94
CA ARG A 263 -16.62 -11.39 -27.62
C ARG A 263 -15.20 -11.44 -27.10
N GLU A 264 -14.28 -10.73 -27.76
CA GLU A 264 -12.89 -10.74 -27.31
C GLU A 264 -12.75 -10.05 -25.96
N GLN A 265 -13.50 -8.97 -25.74
CA GLN A 265 -13.48 -8.26 -24.47
C GLN A 265 -13.97 -9.16 -23.33
N SER A 266 -14.96 -10.01 -23.61
CA SER A 266 -15.48 -10.91 -22.59
C SER A 266 -14.38 -11.84 -22.06
N VAL A 267 -13.49 -12.28 -22.93
CA VAL A 267 -12.39 -13.13 -22.51
C VAL A 267 -11.40 -12.35 -21.66
N ILE A 268 -11.03 -11.15 -22.11
CA ILE A 268 -10.09 -10.30 -21.36
C ILE A 268 -10.60 -10.07 -19.95
N ASP A 269 -11.89 -9.77 -19.81
CA ASP A 269 -12.47 -9.45 -18.52
C ASP A 269 -12.51 -10.62 -17.53
N VAL A 270 -12.26 -11.85 -17.97
CA VAL A 270 -12.17 -13.00 -17.04
C VAL A 270 -10.78 -13.58 -16.97
N THR A 271 -9.80 -13.00 -17.67
CA THR A 271 -8.45 -13.56 -17.69
C THR A 271 -7.63 -13.16 -16.45
N GLY B 1 -5.94 15.90 -16.21
CA GLY B 1 -6.24 16.80 -17.32
C GLY B 1 -7.01 16.14 -18.46
N SER B 2 -6.29 15.68 -19.48
CA SER B 2 -6.93 15.17 -20.68
C SER B 2 -7.63 13.84 -20.42
N ALA B 3 -8.71 13.63 -21.19
CA ALA B 3 -9.53 12.44 -21.05
C ALA B 3 -8.75 11.18 -21.40
N MET B 4 -7.78 11.27 -22.31
CA MET B 4 -7.10 10.05 -22.71
C MET B 4 -5.74 9.87 -22.06
N GLY B 5 -5.42 10.65 -21.02
CA GLY B 5 -4.29 10.32 -20.15
C GLY B 5 -4.72 9.29 -19.11
N SER B 6 -3.92 8.25 -18.94
CA SER B 6 -4.25 7.22 -17.97
C SER B 6 -4.26 7.81 -16.56
N THR B 7 -5.19 7.36 -15.73
CA THR B 7 -5.29 7.83 -14.36
C THR B 7 -4.04 7.43 -13.58
N VAL B 8 -3.62 8.31 -12.67
CA VAL B 8 -2.49 8.01 -11.80
C VAL B 8 -2.91 6.93 -10.80
N SER B 9 -2.13 5.87 -10.70
CA SER B 9 -2.46 4.83 -9.73
C SER B 9 -1.71 5.06 -8.42
N VAL B 10 -2.27 4.52 -7.34
CA VAL B 10 -1.73 4.79 -6.02
C VAL B 10 -0.52 3.91 -5.77
N SER B 11 0.56 4.51 -5.32
CA SER B 11 1.78 3.78 -5.02
C SER B 11 2.00 3.81 -3.51
N LYS B 12 2.05 2.62 -2.89
CA LYS B 12 2.38 2.59 -1.45
C LYS B 12 3.71 3.23 -1.17
N PRO B 13 4.81 2.94 -1.88
CA PRO B 13 6.08 3.61 -1.56
C PRO B 13 6.02 5.12 -1.68
N LEU B 14 5.38 5.66 -2.74
CA LEU B 14 5.33 7.11 -2.91
C LEU B 14 4.45 7.76 -1.86
N LEU B 15 3.31 7.14 -1.56
CA LEU B 15 2.44 7.69 -0.52
C LEU B 15 3.17 7.72 0.82
N LYS B 16 3.88 6.65 1.13
CA LYS B 16 4.66 6.59 2.38
C LYS B 16 5.75 7.65 2.38
N LEU B 17 6.46 7.83 1.26
CA LEU B 17 7.48 8.86 1.17
C LEU B 17 6.91 10.25 1.43
N LYS B 18 5.73 10.54 0.87
CA LYS B 18 5.06 11.82 1.13
C LYS B 18 4.65 11.92 2.59
N LEU B 19 4.09 10.86 3.14
CA LEU B 19 3.59 10.89 4.52
C LEU B 19 4.72 11.13 5.51
N LEU B 20 5.81 10.36 5.37
CA LEU B 20 6.91 10.48 6.33
C LEU B 20 7.53 11.87 6.29
N ASP B 21 7.65 12.47 5.10
CA ASP B 21 8.17 13.82 5.02
C ASP B 21 7.29 14.79 5.79
N CYS B 22 5.98 14.69 5.60
CA CYS B 22 5.04 15.57 6.30
C CYS B 22 5.08 15.34 7.82
N LEU B 23 5.11 14.08 8.25
CA LEU B 23 5.18 13.77 9.68
C LEU B 23 6.46 14.28 10.32
N ARG B 24 7.53 14.42 9.54
CA ARG B 24 8.82 14.82 10.09
C ARG B 24 8.95 16.33 10.21
N GLN B 25 8.41 17.06 9.24
CA GLN B 25 8.68 18.47 9.00
C GLN B 25 7.49 19.40 9.27
N SER B 26 6.26 18.91 9.17
CA SER B 26 5.09 19.77 9.09
C SER B 26 4.20 19.61 10.32
N ASN B 27 3.25 20.53 10.43
CA ASN B 27 2.33 20.58 11.56
C ASN B 27 1.05 19.83 11.21
N PHE B 28 0.07 19.87 12.12
CA PHE B 28 -1.11 19.02 11.95
C PHE B 28 -2.00 19.52 10.81
N GLN B 29 -2.13 20.84 10.64
CA GLN B 29 -2.92 21.36 9.53
C GLN B 29 -2.35 20.91 8.18
N GLN B 30 -1.03 20.88 8.05
CA GLN B 30 -0.43 20.42 6.80
C GLN B 30 -0.67 18.93 6.59
N LEU B 31 -0.67 18.15 7.67
CA LEU B 31 -1.02 16.73 7.55
C LEU B 31 -2.46 16.56 7.09
N CYS B 32 -3.40 17.35 7.64
CA CYS B 32 -4.77 17.31 7.13
C CYS B 32 -4.82 17.63 5.64
N HIS B 33 -4.05 18.64 5.21
CA HIS B 33 -4.01 18.97 3.79
C HIS B 33 -3.50 17.79 2.97
N LEU B 34 -2.45 17.11 3.45
CA LEU B 34 -1.92 15.94 2.75
C LEU B 34 -2.98 14.86 2.59
N ILE B 35 -3.72 14.56 3.67
CA ILE B 35 -4.76 13.53 3.58
C ILE B 35 -5.78 13.92 2.51
N ALA B 36 -6.20 15.19 2.54
CA ALA B 36 -7.24 15.64 1.61
C ALA B 36 -6.74 15.65 0.16
N ASN B 37 -5.45 15.85 -0.05
CA ASN B 37 -4.93 15.98 -1.40
C ASN B 37 -4.29 14.71 -1.95
N GLU B 38 -3.67 13.88 -1.11
CA GLU B 38 -2.96 12.71 -1.60
C GLU B 38 -3.57 11.38 -1.18
N PHE B 39 -4.36 11.35 -0.11
CA PHE B 39 -4.96 10.10 0.35
C PHE B 39 -6.35 9.94 -0.24
N GLN B 40 -6.39 9.92 -1.57
CA GLN B 40 -7.65 9.93 -2.31
C GLN B 40 -7.58 8.93 -3.46
N PRO B 41 -8.66 8.16 -3.68
CA PRO B 41 -9.88 8.12 -2.85
C PRO B 41 -9.57 7.50 -1.47
N PHE B 42 -10.24 8.00 -0.42
CA PHE B 42 -9.86 7.61 0.92
C PHE B 42 -10.10 6.13 1.19
N ASP B 43 -10.95 5.48 0.41
CA ASP B 43 -11.21 4.05 0.59
C ASP B 43 -10.35 3.17 -0.31
N GLU B 44 -9.50 3.76 -1.13
CA GLU B 44 -8.61 2.95 -1.94
C GLU B 44 -7.75 2.08 -1.02
N PRO B 45 -7.66 0.77 -1.28
CA PRO B 45 -7.08 -0.13 -0.27
C PRO B 45 -5.61 0.14 0.06
N THR B 46 -4.80 0.58 -0.91
CA THR B 46 -3.44 0.99 -0.59
C THR B 46 -3.43 2.29 0.20
N VAL B 47 -4.31 3.24 -0.15
CA VAL B 47 -4.43 4.46 0.62
C VAL B 47 -4.77 4.13 2.08
N ARG B 48 -5.74 3.23 2.27
CA ARG B 48 -6.17 2.86 3.61
C ARG B 48 -5.04 2.18 4.38
N SER B 49 -4.27 1.31 3.73
CA SER B 49 -3.25 0.57 4.47
C SER B 49 -2.14 1.50 4.98
N VAL B 50 -1.86 2.58 4.26
CA VAL B 50 -0.90 3.57 4.76
C VAL B 50 -1.54 4.44 5.85
N PHE B 51 -2.77 4.93 5.60
CA PHE B 51 -3.42 5.81 6.57
C PHE B 51 -3.52 5.14 7.94
N GLU B 52 -3.86 3.85 7.99
CA GLU B 52 -4.10 3.31 9.31
C GLU B 52 -2.82 3.09 10.11
N LEU B 53 -1.64 3.25 9.48
CA LEU B 53 -0.36 3.19 10.17
C LEU B 53 0.19 4.56 10.55
N ILE B 54 -0.58 5.64 10.36
CA ILE B 54 -0.03 6.98 10.56
C ILE B 54 0.55 7.16 11.96
N LEU B 55 -0.12 6.63 12.99
CA LEU B 55 0.42 6.77 14.35
C LEU B 55 1.74 6.02 14.52
N HIS B 56 1.89 4.85 13.90
CA HIS B 56 3.18 4.16 13.95
C HIS B 56 4.28 5.02 13.35
N TYR B 57 4.02 5.58 12.17
CA TYR B 57 5.01 6.40 11.51
C TYR B 57 5.30 7.66 12.31
N ALA B 58 4.25 8.25 12.90
CA ALA B 58 4.44 9.45 13.73
C ALA B 58 5.29 9.14 14.96
N VAL B 59 5.06 8.01 15.62
CA VAL B 59 5.94 7.60 16.72
C VAL B 59 7.38 7.52 16.24
N GLN B 60 7.58 7.07 15.00
CA GLN B 60 8.93 6.90 14.49
C GLN B 60 9.62 8.23 14.19
N VAL B 61 8.88 9.22 13.67
CA VAL B 61 9.56 10.39 13.10
C VAL B 61 9.04 11.74 13.59
N SER B 62 7.85 11.77 14.29
CA SER B 62 7.22 13.08 14.48
C SER B 62 7.56 13.69 15.84
N PRO B 63 7.51 15.02 15.97
CA PRO B 63 7.54 15.64 17.29
C PRO B 63 6.32 15.23 18.11
N ALA B 64 6.50 15.20 19.43
CA ALA B 64 5.40 14.82 20.31
C ALA B 64 4.17 15.69 20.11
N SER B 65 4.36 16.98 19.80
CA SER B 65 3.22 17.88 19.66
C SER B 65 2.30 17.45 18.53
N LEU B 66 2.88 16.97 17.42
CA LEU B 66 2.05 16.46 16.33
C LEU B 66 1.35 15.16 16.71
N ILE B 67 2.06 14.28 17.41
CA ILE B 67 1.44 13.05 17.87
C ILE B 67 0.24 13.37 18.75
N LYS B 68 0.38 14.37 19.63
CA LYS B 68 -0.75 14.75 20.48
C LYS B 68 -1.92 15.23 19.64
N ASP B 69 -1.64 16.01 18.60
CA ASP B 69 -2.71 16.50 17.72
C ASP B 69 -3.42 15.34 17.06
N ILE B 70 -2.66 14.37 16.55
CA ILE B 70 -3.27 13.21 15.90
C ILE B 70 -4.16 12.46 16.89
N VAL B 71 -3.63 12.17 18.08
CA VAL B 71 -4.41 11.43 19.07
C VAL B 71 -5.64 12.23 19.47
N GLN B 72 -5.48 13.54 19.64
CA GLN B 72 -6.59 14.37 20.12
C GLN B 72 -7.70 14.46 19.08
N ASN B 73 -7.38 14.42 17.79
CA ASN B 73 -8.38 14.73 16.77
C ASN B 73 -8.91 13.52 16.02
N TRP B 74 -8.14 12.43 15.90
CA TRP B 74 -8.51 11.34 15.00
C TRP B 74 -8.77 10.02 15.70
N THR B 75 -9.09 10.01 16.99
CA THR B 75 -9.31 8.74 17.68
C THR B 75 -10.68 8.66 18.35
N THR B 76 -11.68 9.37 17.82
CA THR B 76 -13.05 9.32 18.34
C THR B 76 -13.88 8.36 17.50
N LYS B 77 -14.45 7.35 18.14
CA LYS B 77 -15.21 6.34 17.42
C LYS B 77 -16.56 6.88 16.98
N GLY B 78 -17.13 6.21 15.97
CA GLY B 78 -18.53 6.40 15.62
C GLY B 78 -18.86 7.69 14.90
N SER B 79 -17.92 8.27 14.16
CA SER B 79 -18.21 9.50 13.44
C SER B 79 -19.26 9.25 12.36
N SER B 80 -20.13 10.23 12.18
CA SER B 80 -21.07 10.25 11.07
C SER B 80 -20.79 11.39 10.11
N ASN B 81 -19.58 11.95 10.17
CA ASN B 81 -19.18 13.07 9.32
C ASN B 81 -17.79 12.78 8.78
N SER B 82 -16.75 13.31 9.42
CA SER B 82 -15.39 13.02 8.98
C SER B 82 -15.04 11.53 9.18
N GLN B 83 -14.29 10.98 8.23
CA GLN B 83 -13.89 9.57 8.24
C GLN B 83 -12.47 9.36 8.75
N LEU B 84 -11.80 10.43 9.20
CA LEU B 84 -10.43 10.34 9.70
C LEU B 84 -10.44 9.68 11.08
N PHE B 85 -10.20 8.38 11.12
CA PHE B 85 -10.12 7.65 12.38
C PHE B 85 -8.89 6.75 12.38
N ILE B 86 -8.12 6.79 13.46
CA ILE B 86 -6.99 5.90 13.65
C ILE B 86 -7.24 5.05 14.89
N ASP B 87 -7.01 3.75 14.78
CA ASP B 87 -7.12 2.81 15.89
C ASP B 87 -5.82 2.87 16.69
N VAL B 88 -5.91 3.37 17.92
CA VAL B 88 -4.71 3.51 18.74
C VAL B 88 -4.06 2.16 19.05
N ASN B 89 -4.78 1.06 18.83
CA ASN B 89 -4.25 -0.28 19.06
C ASN B 89 -3.94 -1.02 17.76
N LYS B 90 -3.96 -0.32 16.61
CA LYS B 90 -3.61 -0.95 15.34
C LYS B 90 -2.27 -1.66 15.43
N GLN B 91 -2.23 -2.90 14.93
CA GLN B 91 -0.99 -3.65 14.86
C GLN B 91 -0.44 -3.63 13.43
N ASP B 92 0.87 -3.40 13.32
CA ASP B 92 1.53 -3.37 12.01
C ASP B 92 1.93 -4.77 11.59
N GLN B 93 2.77 -4.88 10.55
CA GLN B 93 3.11 -6.20 10.03
C GLN B 93 3.98 -7.02 10.98
N ASP B 94 4.54 -6.41 12.02
CA ASP B 94 5.25 -7.14 13.05
C ASP B 94 4.38 -7.36 14.28
N GLY B 95 3.10 -7.01 14.21
CA GLY B 95 2.23 -7.08 15.37
C GLY B 95 2.39 -5.95 16.35
N ASN B 96 3.23 -4.96 16.05
CA ASN B 96 3.48 -3.87 16.99
C ASN B 96 2.39 -2.81 16.91
N THR B 97 1.96 -2.34 18.08
CA THR B 97 1.12 -1.16 18.23
C THR B 97 1.99 0.08 18.29
N PRO B 98 1.41 1.28 18.16
CA PRO B 98 2.22 2.48 18.39
C PRO B 98 2.87 2.49 19.76
N LEU B 99 2.22 1.91 20.78
CA LEU B 99 2.82 1.91 22.10
C LEU B 99 4.07 1.01 22.15
N HIS B 100 4.02 -0.15 21.47
CA HIS B 100 5.23 -0.97 21.33
C HIS B 100 6.38 -0.13 20.80
N LEU B 101 6.11 0.63 19.73
CA LEU B 101 7.18 1.40 19.09
C LEU B 101 7.66 2.54 19.98
N ALA B 102 6.74 3.22 20.66
CA ALA B 102 7.12 4.32 21.53
C ALA B 102 7.98 3.82 22.70
N ALA B 103 7.62 2.66 23.24
CA ALA B 103 8.43 2.04 24.29
C ALA B 103 9.79 1.63 23.76
N PHE B 104 9.83 0.98 22.60
CA PHE B 104 11.07 0.55 21.97
C PHE B 104 12.02 1.74 21.75
N GLN B 105 11.48 2.88 21.35
CA GLN B 105 12.27 4.07 21.05
C GLN B 105 12.54 4.96 22.26
N SER B 106 12.08 4.57 23.46
CA SER B 106 12.26 5.35 24.69
C SER B 106 11.68 6.76 24.55
N ARG B 107 10.49 6.87 23.96
CA ARG B 107 9.81 8.16 23.83
C ARG B 107 8.86 8.30 25.00
N GLY B 108 9.42 8.71 26.14
CA GLY B 108 8.64 8.73 27.38
C GLY B 108 7.43 9.63 27.28
N ASP B 109 7.56 10.78 26.61
CA ASP B 109 6.43 11.69 26.49
C ASP B 109 5.31 11.07 25.67
N VAL B 110 5.67 10.36 24.61
CA VAL B 110 4.70 9.72 23.74
C VAL B 110 4.02 8.55 24.46
N VAL B 111 4.82 7.75 25.18
CA VAL B 111 4.26 6.66 25.99
C VAL B 111 3.16 7.19 26.91
N THR B 112 3.43 8.33 27.57
CA THR B 112 2.43 8.93 28.44
C THR B 112 1.16 9.29 27.68
N VAL B 113 1.29 9.92 26.51
CA VAL B 113 0.11 10.28 25.73
C VAL B 113 -0.71 9.04 25.39
N LEU B 114 -0.03 7.99 24.91
CA LEU B 114 -0.77 6.80 24.49
C LEU B 114 -1.41 6.10 25.69
N MET B 115 -0.69 6.01 26.81
CA MET B 115 -1.27 5.29 27.94
C MET B 115 -2.38 6.06 28.62
N ASN B 116 -2.49 7.36 28.34
CA ASN B 116 -3.63 8.13 28.85
C ASN B 116 -4.84 8.02 27.95
N HIS B 117 -4.69 7.41 26.78
CA HIS B 117 -5.86 7.23 25.93
C HIS B 117 -6.78 6.18 26.54
N PRO B 118 -8.07 6.46 26.68
CA PRO B 118 -8.97 5.51 27.36
C PRO B 118 -9.07 4.15 26.66
N ASP B 119 -8.87 4.08 25.34
CA ASP B 119 -9.02 2.82 24.61
C ASP B 119 -7.72 2.04 24.48
N ILE B 120 -6.61 2.57 25.00
CA ILE B 120 -5.33 1.90 24.84
C ILE B 120 -5.40 0.50 25.43
N ASN B 121 -4.75 -0.45 24.77
CA ASN B 121 -4.62 -1.80 25.30
C ASN B 121 -3.13 -2.10 25.40
N ASP B 122 -2.56 -1.98 26.61
CA ASP B 122 -1.14 -2.26 26.79
C ASP B 122 -0.86 -3.72 27.07
N CYS B 123 -1.83 -4.61 26.83
CA CYS B 123 -1.63 -6.05 26.94
C CYS B 123 -1.43 -6.72 25.59
N ILE B 124 -1.55 -5.99 24.48
CA ILE B 124 -1.48 -6.62 23.16
C ILE B 124 -0.08 -7.17 22.92
N LEU B 125 -0.01 -8.40 22.40
CA LEU B 125 1.25 -9.04 22.07
C LEU B 125 1.59 -8.83 20.59
N ASN B 126 2.86 -8.48 20.31
CA ASN B 126 3.32 -8.42 18.93
C ASN B 126 3.65 -9.84 18.46
N ASP B 127 4.19 -9.97 17.26
CA ASP B 127 4.47 -11.31 16.73
C ASP B 127 5.54 -12.04 17.52
N ALA B 128 6.40 -11.30 18.22
CA ALA B 128 7.40 -11.89 19.11
C ALA B 128 6.85 -12.16 20.51
N HIS B 129 5.52 -12.05 20.69
CA HIS B 129 4.81 -12.39 21.92
C HIS B 129 5.14 -11.45 23.08
N LEU B 130 5.50 -10.21 22.75
CA LEU B 130 5.88 -9.20 23.73
C LEU B 130 4.77 -8.16 23.88
N GLN B 131 4.49 -7.78 25.15
CA GLN B 131 3.68 -6.60 25.44
C GLN B 131 4.51 -5.35 25.20
N PRO B 132 3.85 -4.18 25.08
CA PRO B 132 4.62 -2.95 24.83
C PRO B 132 5.68 -2.64 25.88
N ILE B 133 5.39 -2.84 27.17
CA ILE B 133 6.39 -2.54 28.20
C ILE B 133 7.63 -3.40 28.01
N GLU B 134 7.48 -4.59 27.46
CA GLU B 134 8.60 -5.49 27.27
C GLU B 134 9.50 -5.08 26.10
N MET B 135 9.11 -4.07 25.33
CA MET B 135 9.95 -3.51 24.29
C MET B 135 10.94 -2.49 24.83
N CYS B 136 10.81 -2.10 26.10
CA CYS B 136 11.61 -0.99 26.62
C CYS B 136 13.10 -1.33 26.59
N LYS B 137 13.89 -0.33 26.22
CA LYS B 137 15.34 -0.39 26.35
C LYS B 137 15.85 0.40 27.54
N ASN B 138 15.04 1.30 28.09
CA ASN B 138 15.48 2.17 29.17
C ASN B 138 14.61 1.94 30.39
N LEU B 139 15.27 1.71 31.53
CA LEU B 139 14.58 1.28 32.74
C LEU B 139 13.58 2.33 33.21
N ASN B 140 13.91 3.62 33.07
CA ASN B 140 13.01 4.67 33.54
C ASN B 140 11.66 4.64 32.83
N ILE B 141 11.67 4.37 31.53
CA ILE B 141 10.40 4.33 30.79
C ILE B 141 9.59 3.11 31.18
N ALA B 142 10.26 1.95 31.34
CA ALA B 142 9.57 0.77 31.85
C ALA B 142 8.94 1.04 33.21
N GLN B 143 9.66 1.72 34.09
CA GLN B 143 9.09 2.02 35.41
C GLN B 143 7.87 2.94 35.32
N MET B 144 7.92 3.94 34.43
CA MET B 144 6.77 4.81 34.20
C MET B 144 5.56 4.04 33.65
N MET B 145 5.79 3.05 32.78
CA MET B 145 4.68 2.23 32.29
C MET B 145 4.12 1.32 33.38
N GLN B 146 4.99 0.74 34.22
CA GLN B 146 4.51 -0.04 35.37
C GLN B 146 3.57 0.80 36.24
N VAL B 147 3.96 2.04 36.50
CA VAL B 147 3.15 2.91 37.36
C VAL B 147 1.84 3.29 36.67
N ALA B 148 1.88 3.57 35.37
CA ALA B 148 0.64 3.89 34.68
C ALA B 148 -0.32 2.70 34.69
N ARG B 149 0.20 1.50 34.44
CA ARG B 149 -0.67 0.33 34.48
C ARG B 149 -1.26 0.13 35.88
N ALA B 150 -0.43 0.27 36.91
CA ALA B 150 -0.90 0.07 38.28
C ALA B 150 -2.00 1.07 38.63
N ASN B 151 -1.83 2.35 38.26
CA ASN B 151 -2.88 3.34 38.49
C ASN B 151 -4.17 2.97 37.75
N TYR B 152 -4.04 2.53 36.50
CA TYR B 152 -5.23 2.16 35.75
C TYR B 152 -5.93 0.98 36.41
N VAL B 153 -5.17 -0.02 36.84
CA VAL B 153 -5.79 -1.21 37.45
C VAL B 153 -6.54 -0.83 38.72
N ALA B 154 -5.97 0.05 39.54
CA ALA B 154 -6.66 0.51 40.74
C ALA B 154 -8.00 1.14 40.37
N GLU B 155 -8.01 1.97 39.32
CA GLU B 155 -9.25 2.62 38.91
C GLU B 155 -10.30 1.58 38.50
N ILE B 156 -9.92 0.63 37.64
CA ILE B 156 -10.95 -0.29 37.15
C ILE B 156 -11.29 -1.35 38.20
N ALA B 157 -10.35 -1.71 39.09
CA ALA B 157 -10.70 -2.67 40.13
C ALA B 157 -11.74 -2.08 41.08
N GLN B 158 -11.67 -0.78 41.31
CA GLN B 158 -12.66 -0.14 42.18
C GLN B 158 -13.99 0.02 41.46
N GLU B 159 -13.98 0.35 40.15
CA GLU B 159 -15.21 0.29 39.36
C GLU B 159 -15.82 -1.10 39.38
N PHE B 160 -14.99 -2.14 39.21
CA PHE B 160 -15.48 -3.50 39.22
C PHE B 160 -16.17 -3.82 40.55
N ARG B 161 -15.52 -3.46 41.66
CA ARG B 161 -16.09 -3.72 42.98
C ARG B 161 -17.38 -2.91 43.18
N GLN B 162 -17.39 -1.66 42.70
CA GLN B 162 -18.59 -0.83 42.81
C GLN B 162 -19.76 -1.44 42.06
N ALA B 163 -19.50 -1.96 40.86
CA ALA B 163 -20.55 -2.57 40.05
C ALA B 163 -21.12 -3.80 40.73
N PHE B 164 -20.25 -4.60 41.37
CA PHE B 164 -20.75 -5.72 42.16
C PHE B 164 -21.54 -5.22 43.36
N ASN B 165 -21.03 -4.22 44.07
CA ASN B 165 -21.77 -3.65 45.19
C ASN B 165 -23.18 -3.24 44.76
N ASN B 166 -23.31 -2.70 43.56
CA ASN B 166 -24.59 -2.22 43.06
C ASN B 166 -25.38 -3.28 42.31
N ARG B 167 -24.84 -4.50 42.18
CA ARG B 167 -25.48 -5.59 41.43
C ARG B 167 -25.89 -5.12 40.03
N ASP B 168 -25.00 -4.33 39.40
CA ASP B 168 -25.32 -3.58 38.19
C ASP B 168 -24.72 -4.28 36.98
N ILE B 169 -25.53 -5.08 36.29
CA ILE B 169 -25.05 -5.89 35.17
C ILE B 169 -24.53 -5.01 34.05
N ASP B 170 -25.23 -3.92 33.73
CA ASP B 170 -24.78 -3.04 32.66
C ASP B 170 -23.43 -2.43 32.98
N HIS B 171 -23.21 -2.05 34.24
CA HIS B 171 -21.91 -1.53 34.65
C HIS B 171 -20.84 -2.61 34.50
N LEU B 172 -21.14 -3.83 34.97
CA LEU B 172 -20.19 -4.94 34.83
C LEU B 172 -19.87 -5.22 33.38
N ASN B 173 -20.89 -5.19 32.50
CA ASN B 173 -20.64 -5.46 31.09
C ASN B 173 -19.79 -4.36 30.47
N SER B 174 -20.06 -3.12 30.84
CA SER B 174 -19.25 -2.00 30.36
C SER B 174 -17.78 -2.20 30.72
N ILE B 175 -17.51 -2.57 31.96
CA ILE B 175 -16.13 -2.77 32.40
C ILE B 175 -15.45 -3.87 31.60
N LEU B 176 -16.14 -5.00 31.41
CA LEU B 176 -15.49 -6.11 30.73
C LEU B 176 -15.58 -6.02 29.20
N SER B 177 -16.22 -4.98 28.66
CA SER B 177 -16.22 -4.81 27.21
C SER B 177 -14.86 -4.37 26.68
N ASN B 178 -13.96 -3.93 27.54
CA ASN B 178 -12.62 -3.51 27.12
C ASN B 178 -11.66 -4.68 27.29
N PRO B 179 -11.05 -5.20 26.22
CA PRO B 179 -10.17 -6.38 26.35
C PRO B 179 -9.03 -6.16 27.33
N ARG B 180 -8.56 -4.92 27.47
CA ARG B 180 -7.53 -4.64 28.47
C ARG B 180 -8.04 -4.96 29.87
N ASN B 181 -9.28 -4.55 30.16
CA ASN B 181 -9.86 -4.80 31.47
C ASN B 181 -10.05 -6.29 31.72
N GLN B 182 -10.45 -7.04 30.69
CA GLN B 182 -10.62 -8.48 30.83
C GLN B 182 -9.33 -9.15 31.32
N GLU B 183 -8.18 -8.68 30.83
CA GLU B 183 -6.92 -9.29 31.19
C GLU B 183 -6.40 -8.81 32.56
N LEU B 184 -6.68 -7.57 32.93
CA LEU B 184 -6.09 -7.01 34.15
C LEU B 184 -6.96 -7.20 35.39
N LEU B 185 -8.21 -7.63 35.23
CA LEU B 185 -9.09 -7.87 36.36
C LEU B 185 -9.15 -9.36 36.66
N ASP B 186 -9.27 -9.71 37.95
CA ASP B 186 -9.32 -11.10 38.38
C ASP B 186 -10.67 -11.34 39.06
N ILE B 187 -11.61 -11.91 38.32
CA ILE B 187 -12.94 -12.14 38.88
C ILE B 187 -12.92 -13.23 39.96
N ASN B 188 -11.83 -13.99 40.06
CA ASN B 188 -11.67 -14.98 41.11
C ASN B 188 -10.80 -14.51 42.26
N GLY B 189 -10.56 -13.20 42.35
CA GLY B 189 -9.75 -12.68 43.44
C GLY B 189 -10.43 -12.90 44.78
N MET B 190 -9.63 -13.26 45.79
CA MET B 190 -10.13 -13.52 47.13
C MET B 190 -9.98 -12.27 47.98
N GLU B 191 -11.10 -11.73 48.43
CA GLU B 191 -11.09 -10.58 49.32
C GLU B 191 -10.57 -10.99 50.69
N PRO B 192 -9.42 -10.48 51.14
CA PRO B 192 -8.86 -10.94 52.43
C PRO B 192 -9.76 -10.67 53.62
N GLU B 193 -10.46 -9.54 53.65
CA GLU B 193 -11.30 -9.21 54.80
C GLU B 193 -12.47 -10.17 54.96
N THR B 194 -12.80 -10.95 53.93
CA THR B 194 -13.86 -11.96 54.02
C THR B 194 -13.41 -13.35 53.63
N GLY B 195 -12.28 -13.50 52.93
CA GLY B 195 -11.95 -14.78 52.37
C GLY B 195 -12.86 -15.28 51.26
N ASP B 196 -13.68 -14.40 50.68
CA ASP B 196 -14.62 -14.79 49.63
C ASP B 196 -14.18 -14.31 48.26
N THR B 197 -14.45 -15.13 47.25
CA THR B 197 -14.56 -14.66 45.89
C THR B 197 -15.95 -14.09 45.67
N VAL B 198 -16.14 -13.33 44.58
CA VAL B 198 -17.49 -12.82 44.33
C VAL B 198 -18.47 -13.97 44.07
N LEU B 199 -17.98 -15.09 43.54
CA LEU B 199 -18.87 -16.24 43.39
C LEU B 199 -19.38 -16.72 44.75
N HIS B 200 -18.48 -16.83 45.74
CA HIS B 200 -18.91 -17.17 47.10
C HIS B 200 -19.86 -16.12 47.62
N GLU B 201 -19.50 -14.85 47.43
CA GLU B 201 -20.29 -13.75 47.94
C GLU B 201 -21.71 -13.80 47.42
N PHE B 202 -21.89 -14.07 46.13
CA PHE B 202 -23.25 -13.99 45.60
C PHE B 202 -23.97 -15.33 45.59
N VAL B 203 -23.28 -16.43 45.87
CA VAL B 203 -23.98 -17.65 46.26
C VAL B 203 -24.65 -17.44 47.62
N LYS B 204 -23.91 -16.89 48.59
CA LYS B 204 -24.50 -16.60 49.90
C LYS B 204 -25.65 -15.61 49.78
N LYS B 205 -25.53 -14.61 48.90
CA LYS B 205 -26.61 -13.65 48.69
C LYS B 205 -27.76 -14.22 47.88
N ARG B 206 -27.63 -15.47 47.41
CA ARG B 206 -28.71 -16.16 46.70
C ARG B 206 -29.16 -15.38 45.47
N ASP B 207 -28.20 -14.78 44.76
CA ASP B 207 -28.49 -13.91 43.62
C ASP B 207 -28.25 -14.70 42.35
N ILE B 208 -29.32 -15.24 41.77
CA ILE B 208 -29.21 -16.09 40.59
C ILE B 208 -28.58 -15.32 39.43
N LEU B 209 -29.04 -14.09 39.20
CA LEU B 209 -28.57 -13.33 38.05
C LEU B 209 -27.08 -13.03 38.16
N LEU B 210 -26.61 -12.64 39.36
CA LEU B 210 -25.21 -12.28 39.50
C LEU B 210 -24.30 -13.51 39.44
N CYS B 211 -24.75 -14.63 40.00
CA CYS B 211 -23.96 -15.85 39.88
C CYS B 211 -23.87 -16.30 38.42
N ARG B 212 -24.97 -16.19 37.69
CA ARG B 212 -24.99 -16.47 36.25
C ARG B 212 -23.95 -15.64 35.51
N TRP B 213 -23.97 -14.33 35.75
CA TRP B 213 -23.02 -13.44 35.09
C TRP B 213 -21.58 -13.77 35.48
N ILE B 214 -21.35 -14.08 36.77
CA ILE B 214 -20.00 -14.38 37.24
C ILE B 214 -19.48 -15.66 36.58
N LEU B 215 -20.29 -16.70 36.53
CA LEU B 215 -19.85 -17.94 35.89
C LEU B 215 -19.63 -17.75 34.39
N ASP B 216 -20.44 -16.89 33.75
CA ASP B 216 -20.24 -16.63 32.33
C ASP B 216 -19.00 -15.78 32.06
N HIS B 217 -18.35 -15.22 33.09
CA HIS B 217 -17.17 -14.39 32.88
C HIS B 217 -15.96 -14.92 33.63
N GLY B 218 -15.87 -16.23 33.81
CA GLY B 218 -14.67 -16.85 34.33
C GLY B 218 -14.69 -17.21 35.80
N GLY B 219 -15.81 -17.00 36.49
CA GLY B 219 -15.87 -17.38 37.90
C GLY B 219 -15.55 -18.85 38.10
N ASP B 220 -14.67 -19.14 39.05
CA ASP B 220 -14.12 -20.48 39.19
C ASP B 220 -14.90 -21.25 40.23
N PRO B 221 -15.73 -22.24 39.84
CA PRO B 221 -16.49 -23.01 40.84
C PRO B 221 -15.62 -23.92 41.71
N PHE B 222 -14.34 -24.09 41.37
CA PHE B 222 -13.43 -24.90 42.16
C PHE B 222 -12.57 -24.08 43.12
N LYS B 223 -12.65 -22.75 43.04
CA LYS B 223 -11.85 -21.90 43.93
C LYS B 223 -12.46 -21.93 45.33
N ARG B 224 -11.66 -22.31 46.31
CA ARG B 224 -12.11 -22.41 47.69
C ARG B 224 -11.96 -21.09 48.41
N ASP B 225 -12.83 -20.85 49.38
CA ASP B 225 -12.70 -19.66 50.20
C ASP B 225 -11.59 -19.87 51.23
N SER B 226 -11.41 -18.87 52.10
CA SER B 226 -10.38 -18.97 53.12
C SER B 226 -10.64 -20.09 54.12
N ARG B 227 -11.82 -20.72 54.11
CA ARG B 227 -12.17 -21.79 55.02
C ARG B 227 -12.29 -23.15 54.33
N GLY B 228 -11.82 -23.26 53.09
CA GLY B 228 -11.76 -24.53 52.41
C GLY B 228 -13.02 -24.95 51.68
N LYS B 229 -14.03 -24.09 51.62
CA LYS B 229 -15.34 -24.45 51.06
C LYS B 229 -15.48 -23.95 49.63
N LEU B 230 -15.96 -24.82 48.75
CA LEU B 230 -16.37 -24.43 47.42
C LEU B 230 -17.69 -23.66 47.49
N PRO B 231 -17.97 -22.83 46.47
CA PRO B 231 -19.27 -22.13 46.45
C PRO B 231 -20.47 -23.06 46.61
N ILE B 232 -20.48 -24.21 45.94
CA ILE B 232 -21.64 -25.11 46.01
C ILE B 232 -21.84 -25.62 47.42
N ASP B 233 -20.77 -25.67 48.23
CA ASP B 233 -20.89 -26.10 49.61
C ASP B 233 -21.76 -25.16 50.44
N LEU B 234 -21.99 -23.93 49.97
CA LEU B 234 -22.74 -22.96 50.73
C LEU B 234 -24.24 -23.12 50.57
N LEU B 235 -24.71 -23.98 49.67
CA LEU B 235 -26.13 -24.23 49.52
C LEU B 235 -26.58 -25.33 50.47
N LYS B 236 -27.65 -25.06 51.23
CA LYS B 236 -28.12 -26.03 52.20
C LYS B 236 -28.61 -27.29 51.52
N LYS B 237 -27.87 -28.37 51.72
CA LYS B 237 -28.33 -29.73 51.46
C LYS B 237 -29.74 -29.94 52.00
N VAL B 238 -30.55 -30.68 51.22
CA VAL B 238 -31.89 -31.06 51.66
C VAL B 238 -32.01 -32.58 51.67
N LYS B 247 -40.08 -23.73 47.62
CA LYS B 247 -39.32 -23.26 48.76
C LYS B 247 -37.82 -23.36 48.51
N ASN B 248 -37.40 -24.39 47.77
CA ASN B 248 -36.01 -24.59 47.43
C ASN B 248 -35.76 -24.43 45.93
N ALA B 249 -36.62 -23.69 45.23
CA ALA B 249 -36.45 -23.52 43.79
C ALA B 249 -35.23 -22.66 43.46
N ILE B 250 -34.87 -21.74 44.34
CA ILE B 250 -33.71 -20.89 44.10
C ILE B 250 -32.42 -21.65 44.36
N ASP B 251 -32.33 -22.33 45.52
CA ASP B 251 -31.14 -23.11 45.82
C ASP B 251 -30.91 -24.22 44.80
N LEU B 252 -32.00 -24.74 44.21
CA LEU B 252 -31.87 -25.80 43.21
C LEU B 252 -31.31 -25.24 41.91
N GLU B 253 -31.83 -24.09 41.46
CA GLU B 253 -31.30 -23.49 40.24
C GLU B 253 -29.83 -23.14 40.40
N LEU B 254 -29.45 -22.62 41.57
CA LEU B 254 -28.03 -22.36 41.84
C LEU B 254 -27.20 -23.63 41.69
N LYS B 255 -27.65 -24.72 42.31
CA LYS B 255 -26.92 -25.98 42.21
C LYS B 255 -26.77 -26.42 40.76
N LYS B 256 -27.82 -26.27 39.96
CA LYS B 256 -27.72 -26.66 38.55
C LYS B 256 -26.74 -25.77 37.80
N MET B 257 -26.75 -24.45 38.09
CA MET B 257 -25.76 -23.56 37.49
C MET B 257 -24.34 -23.99 37.86
N LEU B 258 -24.10 -24.25 39.15
CA LEU B 258 -22.76 -24.58 39.60
C LEU B 258 -22.29 -25.95 39.10
N GLU B 259 -23.22 -26.85 38.78
CA GLU B 259 -22.82 -28.16 38.27
C GLU B 259 -22.47 -28.10 36.78
N LYS B 260 -23.28 -27.37 36.00
CA LYS B 260 -22.93 -27.15 34.60
C LYS B 260 -21.58 -26.46 34.47
N ALA B 261 -21.31 -25.49 35.34
CA ALA B 261 -20.00 -24.82 35.33
C ALA B 261 -18.89 -25.77 35.79
N ALA B 262 -19.16 -26.66 36.73
CA ALA B 262 -18.15 -27.61 37.15
C ALA B 262 -17.79 -28.57 36.00
N ARG B 263 -18.73 -28.86 35.11
CA ARG B 263 -18.43 -29.69 33.95
C ARG B 263 -17.55 -28.92 32.97
N GLU B 264 -17.94 -27.71 32.61
CA GLU B 264 -17.24 -26.89 31.63
C GLU B 264 -15.90 -26.41 32.12
N GLN B 265 -15.42 -26.87 33.28
CA GLN B 265 -14.15 -26.44 33.82
C GLN B 265 -13.34 -27.65 34.29
#